data_3SJR
#
_entry.id   3SJR
#
_cell.length_a   95.366
_cell.length_b   109.471
_cell.length_c   151.599
_cell.angle_alpha   90.000
_cell.angle_beta   90.000
_cell.angle_gamma   90.000
#
_symmetry.space_group_name_H-M   'C 2 2 21'
#
loop_
_entity.id
_entity.type
_entity.pdbx_description
1 polymer 'Uncharacterized protein'
2 water water
#
_entity_poly.entity_id   1
_entity_poly.type   'polypeptide(L)'
_entity_poly.pdbx_seq_one_letter_code
;SNA(MSE)V(MSE)DDDITVQPIRGVQPRPAGSHEPFAVPSRAGQHGKRPDGEDSADISLSQGAQAAALLFSAA(MSE)D
QISRLAELDIEPVRLPESELTGDSHSQHLLLG(MSE)EIL(MSE)ELYRQQHPDWTAPAIRQAFAPLARAGLERGYQEAC
QVLRQLNVYTPAVAGQLQGLLLLTQRLFEERLQIA
;
_entity_poly.pdbx_strand_id   A,B,C,D
#
# COMPACT_ATOMS: atom_id res chain seq x y z
N ILE A 50 10.70 -25.02 -5.86
CA ILE A 50 10.30 -23.58 -5.62
C ILE A 50 8.94 -23.29 -6.29
N SER A 51 8.17 -24.35 -6.57
CA SER A 51 6.86 -24.23 -7.25
C SER A 51 5.68 -24.08 -6.29
N LEU A 52 5.79 -23.08 -5.42
CA LEU A 52 4.63 -22.54 -4.72
C LEU A 52 3.86 -21.79 -5.77
N SER A 53 4.60 -21.51 -6.85
CA SER A 53 4.10 -20.92 -8.09
C SER A 53 2.92 -21.67 -8.71
N GLN A 54 2.95 -22.99 -8.69
CA GLN A 54 1.81 -23.74 -9.23
C GLN A 54 0.68 -23.85 -8.20
N GLY A 55 1.00 -23.59 -6.94
CA GLY A 55 -0.02 -23.42 -5.91
C GLY A 55 -0.76 -22.12 -6.10
N ALA A 56 -0.01 -21.04 -6.29
CA ALA A 56 -0.61 -19.71 -6.47
C ALA A 56 -1.62 -19.67 -7.61
N GLN A 57 -1.25 -20.25 -8.74
CA GLN A 57 -2.10 -20.30 -9.94
C GLN A 57 -3.42 -21.04 -9.68
N ALA A 58 -3.33 -22.13 -8.93
CA ALA A 58 -4.49 -22.91 -8.58
C ALA A 58 -5.44 -22.02 -7.81
N ALA A 59 -4.93 -21.48 -6.71
CA ALA A 59 -5.72 -20.66 -5.81
C ALA A 59 -6.37 -19.49 -6.53
N ALA A 60 -5.69 -18.95 -7.52
CA ALA A 60 -6.15 -17.74 -8.22
C ALA A 60 -7.36 -18.13 -9.04
N LEU A 61 -7.20 -19.21 -9.80
CA LEU A 61 -8.30 -19.75 -10.59
C LEU A 61 -9.56 -20.00 -9.76
N LEU A 62 -9.40 -20.66 -8.61
CA LEU A 62 -10.49 -20.86 -7.68
C LEU A 62 -11.07 -19.51 -7.21
N PHE A 63 -10.19 -18.57 -6.85
CA PHE A 63 -10.64 -17.30 -6.33
C PHE A 63 -11.53 -16.63 -7.34
N SER A 64 -10.99 -16.48 -8.54
CA SER A 64 -11.63 -15.74 -9.59
C SER A 64 -12.94 -16.41 -10.01
N ALA A 65 -12.96 -17.75 -10.06
CA ALA A 65 -14.13 -18.40 -10.56
C ALA A 65 -15.22 -18.26 -9.52
N ALA A 66 -14.85 -18.49 -8.26
CA ALA A 66 -15.81 -18.50 -7.16
C ALA A 66 -16.43 -17.12 -6.93
N ASP A 68 -16.85 -14.93 -8.94
CA ASP A 68 -17.83 -14.78 -10.01
C ASP A 68 -19.12 -15.52 -9.68
N GLN A 69 -18.98 -16.82 -9.48
CA GLN A 69 -20.12 -17.68 -9.31
C GLN A 69 -21.00 -17.15 -8.22
N ILE A 70 -20.39 -16.85 -7.08
CA ILE A 70 -21.12 -16.40 -5.92
C ILE A 70 -21.74 -15.04 -6.17
N SER A 71 -20.93 -14.08 -6.59
CA SER A 71 -21.43 -12.74 -6.87
C SER A 71 -22.66 -12.83 -7.76
N ARG A 72 -22.68 -13.79 -8.68
CA ARG A 72 -23.83 -13.99 -9.54
C ARG A 72 -25.04 -14.56 -8.79
N LEU A 73 -24.77 -15.58 -7.98
CA LEU A 73 -25.81 -16.33 -7.31
C LEU A 73 -26.49 -15.53 -6.20
N ALA A 74 -25.75 -14.58 -5.66
CA ALA A 74 -26.23 -13.71 -4.60
C ALA A 74 -26.92 -12.49 -5.18
N GLU A 75 -26.98 -12.41 -6.51
CA GLU A 75 -27.59 -11.27 -7.20
C GLU A 75 -26.94 -9.95 -6.78
N LEU A 76 -25.69 -10.08 -6.34
CA LEU A 76 -24.85 -8.92 -6.06
C LEU A 76 -24.35 -8.35 -7.37
N ASP A 77 -24.32 -9.21 -8.39
CA ASP A 77 -24.07 -8.83 -9.79
C ASP A 77 -24.58 -7.39 -10.12
N ILE A 78 -23.71 -6.41 -9.87
CA ILE A 78 -24.03 -5.00 -10.06
C ILE A 78 -23.91 -4.68 -11.56
N GLU A 79 -24.91 -4.01 -12.12
CA GLU A 79 -24.87 -3.58 -13.52
C GLU A 79 -23.62 -2.71 -13.76
N PRO A 80 -22.77 -3.09 -14.74
CA PRO A 80 -21.49 -2.38 -14.97
C PRO A 80 -21.67 -0.86 -15.13
N VAL A 81 -21.04 -0.09 -14.25
CA VAL A 81 -21.18 1.38 -14.28
C VAL A 81 -20.25 2.01 -15.33
N ARG A 82 -20.83 2.80 -16.23
CA ARG A 82 -20.11 3.35 -17.38
C ARG A 82 -20.42 4.81 -17.69
N LEU A 83 -19.42 5.52 -18.22
CA LEU A 83 -19.63 6.80 -18.87
C LEU A 83 -20.61 6.61 -20.02
N PRO A 84 -21.74 7.33 -20.00
CA PRO A 84 -22.78 7.25 -21.03
C PRO A 84 -22.21 7.31 -22.45
N GLU A 85 -21.14 8.09 -22.63
CA GLU A 85 -20.50 8.21 -23.94
C GLU A 85 -19.08 7.68 -23.98
N SER A 86 -18.85 6.54 -23.34
CA SER A 86 -17.55 5.90 -23.39
C SER A 86 -17.19 5.59 -24.83
N GLU A 87 -15.97 5.93 -25.22
CA GLU A 87 -15.46 5.58 -26.55
C GLU A 87 -14.81 4.20 -26.52
N LEU A 88 -14.69 3.65 -25.31
CA LEU A 88 -13.97 2.40 -25.06
C LEU A 88 -14.88 1.20 -25.06
N THR A 89 -14.40 0.08 -25.58
CA THR A 89 -15.14 -1.16 -25.47
C THR A 89 -14.35 -2.14 -24.59
N GLY A 90 -14.97 -2.65 -23.53
CA GLY A 90 -14.34 -3.67 -22.68
C GLY A 90 -14.62 -5.09 -23.16
N ASP A 91 -14.07 -6.07 -22.46
CA ASP A 91 -14.40 -7.48 -22.68
C ASP A 91 -14.79 -8.04 -21.33
N SER A 92 -15.02 -9.35 -21.25
CA SER A 92 -15.47 -9.92 -19.99
C SER A 92 -14.37 -9.83 -18.93
N HIS A 93 -13.14 -10.03 -19.34
CA HIS A 93 -12.01 -9.94 -18.42
C HIS A 93 -11.95 -8.62 -17.70
N SER A 94 -12.02 -7.54 -18.46
CA SER A 94 -12.00 -6.20 -17.90
C SER A 94 -13.25 -5.96 -17.06
N GLN A 95 -14.36 -6.55 -17.51
CA GLN A 95 -15.65 -6.30 -16.89
C GLN A 95 -15.66 -6.91 -15.51
N HIS A 96 -15.14 -8.14 -15.43
CA HIS A 96 -14.99 -8.88 -14.19
C HIS A 96 -14.20 -7.96 -13.26
N LEU A 97 -13.02 -7.55 -13.72
CA LEU A 97 -12.11 -6.69 -12.97
C LEU A 97 -12.78 -5.43 -12.44
N LEU A 98 -13.47 -4.70 -13.30
CA LEU A 98 -14.23 -3.54 -12.87
C LEU A 98 -15.31 -3.86 -11.85
N LEU A 99 -16.09 -4.90 -12.09
CA LEU A 99 -17.11 -5.26 -11.13
C LEU A 99 -16.44 -5.51 -9.79
N GLY A 100 -15.24 -6.07 -9.84
CA GLY A 100 -14.50 -6.37 -8.63
C GLY A 100 -14.21 -5.10 -7.86
N GLU A 102 -15.61 -2.36 -8.05
CA GLU A 102 -16.85 -1.70 -7.67
C GLU A 102 -17.21 -2.09 -6.27
N ILE A 103 -17.17 -3.40 -6.01
CA ILE A 103 -17.52 -3.95 -4.71
C ILE A 103 -16.60 -3.37 -3.65
N LEU A 104 -15.29 -3.42 -3.94
CA LEU A 104 -14.28 -2.88 -3.06
C LEU A 104 -14.56 -1.42 -2.71
N GLU A 106 -17.46 0.10 -3.01
CA GLU A 106 -18.74 0.19 -2.34
C GLU A 106 -18.57 -0.06 -0.86
N LEU A 107 -17.82 -1.11 -0.54
CA LEU A 107 -17.58 -1.48 0.86
C LEU A 107 -16.67 -0.46 1.56
N TYR A 108 -15.73 0.11 0.83
CA TYR A 108 -14.90 1.15 1.37
C TYR A 108 -15.82 2.27 1.84
N ARG A 109 -16.79 2.62 0.99
CA ARG A 109 -17.76 3.68 1.25
C ARG A 109 -18.48 3.41 2.56
N GLN A 110 -19.18 2.28 2.61
CA GLN A 110 -19.87 1.83 3.80
C GLN A 110 -19.00 1.91 5.06
N GLN A 111 -17.73 1.59 4.91
CA GLN A 111 -16.79 1.64 6.04
C GLN A 111 -16.31 3.06 6.40
N HIS A 112 -16.69 4.06 5.62
CA HIS A 112 -16.35 5.46 5.94
C HIS A 112 -17.59 6.36 5.86
N PRO A 113 -18.52 6.23 6.83
CA PRO A 113 -19.79 6.96 6.77
C PRO A 113 -19.60 8.46 6.95
N ASP A 114 -18.69 8.85 7.84
CA ASP A 114 -18.42 10.26 8.15
C ASP A 114 -17.87 11.05 6.96
N TRP A 115 -17.20 10.35 6.06
CA TRP A 115 -16.62 10.98 4.88
C TRP A 115 -17.64 11.33 3.81
N THR A 116 -17.43 12.48 3.17
CA THR A 116 -18.25 12.91 2.03
C THR A 116 -18.08 11.95 0.85
N ALA A 117 -19.00 12.04 -0.13
CA ALA A 117 -18.90 11.21 -1.32
C ALA A 117 -17.62 11.50 -2.12
N PRO A 118 -17.33 12.79 -2.41
CA PRO A 118 -16.10 13.13 -3.15
C PRO A 118 -14.81 12.65 -2.48
N ALA A 119 -14.61 13.03 -1.21
CA ALA A 119 -13.47 12.60 -0.44
C ALA A 119 -13.30 11.09 -0.60
N ILE A 120 -14.41 10.36 -0.56
CA ILE A 120 -14.39 8.90 -0.65
C ILE A 120 -13.81 8.45 -1.98
N ARG A 121 -14.23 9.08 -3.07
CA ARG A 121 -13.69 8.75 -4.40
C ARG A 121 -12.23 9.17 -4.46
N GLN A 122 -11.94 10.34 -3.92
CA GLN A 122 -10.60 10.88 -3.93
C GLN A 122 -9.61 9.93 -3.25
N ALA A 123 -9.97 9.51 -2.04
CA ALA A 123 -9.17 8.59 -1.28
C ALA A 123 -9.05 7.24 -1.96
N PHE A 124 -10.16 6.68 -2.43
CA PHE A 124 -10.14 5.31 -2.99
C PHE A 124 -9.35 5.19 -4.29
N ALA A 125 -9.41 6.24 -5.11
CA ALA A 125 -8.76 6.24 -6.42
C ALA A 125 -7.29 5.77 -6.40
N PRO A 126 -6.40 6.43 -5.64
CA PRO A 126 -5.03 5.97 -5.75
C PRO A 126 -4.82 4.56 -5.20
N LEU A 127 -5.53 4.20 -4.13
CA LEU A 127 -5.39 2.84 -3.59
C LEU A 127 -5.78 1.85 -4.67
N ALA A 128 -6.80 2.17 -5.45
CA ALA A 128 -7.23 1.26 -6.48
C ALA A 128 -6.17 1.12 -7.57
N ARG A 129 -5.63 2.25 -8.01
CA ARG A 129 -4.54 2.25 -9.02
C ARG A 129 -3.35 1.44 -8.53
N ALA A 130 -2.93 1.76 -7.31
CA ALA A 130 -1.82 1.09 -6.67
C ALA A 130 -2.06 -0.41 -6.57
N GLY A 131 -3.23 -0.77 -6.05
CA GLY A 131 -3.62 -2.18 -5.97
C GLY A 131 -3.58 -2.93 -7.27
N LEU A 132 -4.02 -2.27 -8.34
CA LEU A 132 -4.08 -2.91 -9.62
C LEU A 132 -2.69 -3.09 -10.24
N GLU A 133 -1.86 -2.06 -10.13
CA GLU A 133 -0.52 -2.12 -10.70
C GLU A 133 0.27 -3.19 -9.96
N ARG A 134 0.12 -3.25 -8.63
CA ARG A 134 0.78 -4.30 -7.84
C ARG A 134 0.26 -5.68 -8.18
N GLY A 135 -1.08 -5.80 -8.23
CA GLY A 135 -1.73 -7.04 -8.62
C GLY A 135 -1.08 -7.55 -9.88
N TYR A 136 -1.11 -6.71 -10.93
CA TYR A 136 -0.47 -6.99 -12.20
C TYR A 136 0.97 -7.51 -12.02
N GLN A 137 1.78 -6.79 -11.24
CA GLN A 137 3.18 -7.18 -11.04
C GLN A 137 3.32 -8.58 -10.46
N GLU A 138 2.43 -8.91 -9.55
CA GLU A 138 2.38 -10.23 -8.97
C GLU A 138 1.92 -11.27 -10.00
N ALA A 139 0.87 -10.97 -10.74
CA ALA A 139 0.40 -11.88 -11.79
C ALA A 139 1.50 -12.21 -12.82
N CYS A 140 2.37 -11.24 -13.08
CA CYS A 140 3.43 -11.42 -14.03
C CYS A 140 4.50 -12.32 -13.44
N GLN A 141 4.84 -12.10 -12.18
CA GLN A 141 5.89 -12.87 -11.53
C GLN A 141 5.58 -14.38 -11.55
N VAL A 142 4.38 -14.74 -11.13
CA VAL A 142 3.87 -16.11 -11.20
C VAL A 142 4.04 -16.76 -12.57
N LEU A 143 3.71 -16.02 -13.62
CA LEU A 143 3.78 -16.52 -14.99
C LEU A 143 5.22 -16.71 -15.49
N ARG A 144 6.06 -15.71 -15.25
CA ARG A 144 7.48 -15.84 -15.49
C ARG A 144 7.94 -17.11 -14.77
N GLN A 145 7.51 -17.25 -13.52
CA GLN A 145 7.93 -18.37 -12.70
C GLN A 145 7.37 -19.70 -13.16
N LEU A 146 6.17 -19.66 -13.75
CA LEU A 146 5.55 -20.86 -14.29
C LEU A 146 6.11 -21.17 -15.66
N ASN A 147 7.01 -20.30 -16.12
CA ASN A 147 7.67 -20.42 -17.42
C ASN A 147 6.68 -20.41 -18.59
N VAL A 148 5.59 -19.67 -18.40
CA VAL A 148 4.52 -19.60 -19.39
C VAL A 148 4.36 -18.15 -19.89
N TYR A 149 5.26 -17.27 -19.47
CA TYR A 149 5.16 -15.84 -19.79
C TYR A 149 5.61 -15.50 -21.21
N THR A 150 4.98 -16.13 -22.19
CA THR A 150 5.24 -15.89 -23.62
C THR A 150 5.13 -14.41 -23.98
N PRO A 151 5.69 -14.00 -25.15
CA PRO A 151 5.46 -12.62 -25.58
C PRO A 151 3.97 -12.31 -25.85
N ALA A 152 3.22 -13.33 -26.26
CA ALA A 152 1.79 -13.20 -26.57
C ALA A 152 0.98 -12.97 -25.32
N VAL A 153 1.21 -13.79 -24.31
CA VAL A 153 0.49 -13.67 -23.07
C VAL A 153 0.88 -12.38 -22.32
N ALA A 154 2.15 -12.00 -22.40
CA ALA A 154 2.62 -10.76 -21.75
C ALA A 154 1.87 -9.58 -22.32
N GLY A 155 1.69 -9.59 -23.63
CA GLY A 155 1.03 -8.51 -24.34
C GLY A 155 -0.44 -8.44 -24.07
N GLN A 156 -1.07 -9.61 -23.93
CA GLN A 156 -2.50 -9.67 -23.70
C GLN A 156 -2.82 -9.19 -22.29
N LEU A 157 -1.99 -9.58 -21.35
CA LEU A 157 -2.22 -9.24 -19.96
C LEU A 157 -1.99 -7.76 -19.75
N GLN A 158 -0.90 -7.26 -20.33
CA GLN A 158 -0.62 -5.83 -20.34
C GLN A 158 -1.80 -5.02 -20.89
N GLY A 159 -2.26 -5.38 -22.08
CA GLY A 159 -3.38 -4.68 -22.71
C GLY A 159 -4.57 -4.60 -21.78
N LEU A 160 -4.76 -5.66 -21.01
CA LEU A 160 -5.86 -5.78 -20.08
C LEU A 160 -5.72 -4.80 -18.92
N LEU A 161 -4.52 -4.72 -18.35
CA LEU A 161 -4.23 -3.71 -17.34
C LEU A 161 -4.58 -2.32 -17.87
N LEU A 162 -4.04 -1.98 -19.04
CA LEU A 162 -4.22 -0.65 -19.59
C LEU A 162 -5.68 -0.36 -19.82
N LEU A 163 -6.41 -1.35 -20.34
CA LEU A 163 -7.83 -1.23 -20.58
C LEU A 163 -8.58 -0.98 -19.28
N THR A 164 -8.23 -1.74 -18.26
CA THR A 164 -8.85 -1.62 -16.94
C THR A 164 -8.55 -0.32 -16.24
N GLN A 165 -7.30 0.13 -16.29
CA GLN A 165 -6.97 1.39 -15.68
C GLN A 165 -7.84 2.50 -16.29
N ARG A 166 -7.84 2.58 -17.61
CA ARG A 166 -8.55 3.66 -18.27
C ARG A 166 -10.04 3.61 -17.96
N LEU A 167 -10.61 2.40 -17.97
CA LEU A 167 -12.03 2.23 -17.68
C LEU A 167 -12.38 2.68 -16.26
N PHE A 168 -11.48 2.37 -15.31
CA PHE A 168 -11.66 2.85 -13.96
C PHE A 168 -11.53 4.36 -13.85
N GLU A 169 -10.59 4.94 -14.59
CA GLU A 169 -10.43 6.38 -14.60
C GLU A 169 -11.74 6.99 -14.99
N GLU A 170 -12.39 6.37 -15.97
CA GLU A 170 -13.65 6.88 -16.49
C GLU A 170 -14.76 6.73 -15.46
N ARG A 171 -14.80 5.58 -14.83
CA ARG A 171 -15.78 5.32 -13.81
C ARG A 171 -15.72 6.38 -12.73
N LEU A 172 -14.51 6.76 -12.33
CA LEU A 172 -14.32 7.72 -11.23
C LEU A 172 -14.81 9.10 -11.55
N GLN A 173 -15.04 9.36 -12.83
CA GLN A 173 -15.54 10.65 -13.25
C GLN A 173 -17.05 10.77 -13.08
N ILE A 174 -17.73 9.64 -12.85
CA ILE A 174 -19.19 9.63 -12.74
C ILE A 174 -19.66 10.33 -11.46
N ALA A 175 -20.19 11.55 -11.65
CA ALA A 175 -20.77 12.35 -10.57
C ALA A 175 -22.29 12.23 -10.60
N ILE B 50 -5.69 -23.79 -26.05
CA ILE B 50 -5.80 -22.60 -26.96
C ILE B 50 -5.35 -21.32 -26.23
N SER B 51 -5.02 -20.30 -27.02
CA SER B 51 -4.72 -18.97 -26.49
C SER B 51 -5.82 -18.56 -25.53
N LEU B 52 -7.07 -18.84 -25.92
CA LEU B 52 -8.27 -18.56 -25.12
C LEU B 52 -8.12 -18.93 -23.65
N SER B 53 -7.74 -20.18 -23.39
CA SER B 53 -7.61 -20.65 -22.01
C SER B 53 -6.55 -19.86 -21.24
N GLN B 54 -5.32 -19.83 -21.75
CA GLN B 54 -4.23 -19.12 -21.06
C GLN B 54 -4.49 -17.62 -20.85
N GLY B 55 -5.43 -17.08 -21.62
CA GLY B 55 -5.95 -15.75 -21.35
C GLY B 55 -6.75 -15.78 -20.07
N ALA B 56 -7.80 -16.62 -20.06
CA ALA B 56 -8.66 -16.81 -18.90
C ALA B 56 -7.85 -17.03 -17.61
N GLN B 57 -6.66 -17.60 -17.79
CA GLN B 57 -5.70 -17.83 -16.73
C GLN B 57 -5.06 -16.54 -16.29
N ALA B 58 -4.44 -15.85 -17.23
CA ALA B 58 -3.64 -14.69 -16.88
C ALA B 58 -4.58 -13.69 -16.27
N ALA B 59 -5.84 -13.72 -16.73
CA ALA B 59 -6.87 -12.80 -16.26
C ALA B 59 -7.20 -13.15 -14.83
N ALA B 60 -7.36 -14.44 -14.57
CA ALA B 60 -7.69 -14.91 -13.24
C ALA B 60 -6.60 -14.51 -12.27
N LEU B 61 -5.35 -14.71 -12.64
CA LEU B 61 -4.22 -14.23 -11.85
C LEU B 61 -4.39 -12.76 -11.46
N LEU B 62 -4.53 -11.91 -12.48
CA LEU B 62 -4.63 -10.47 -12.29
C LEU B 62 -5.83 -10.19 -11.41
N PHE B 63 -6.96 -10.83 -11.68
CA PHE B 63 -8.11 -10.60 -10.85
C PHE B 63 -7.76 -10.88 -9.39
N SER B 64 -7.40 -12.14 -9.09
CA SER B 64 -7.20 -12.55 -7.70
C SER B 64 -6.25 -11.58 -7.00
N ALA B 65 -5.02 -11.48 -7.51
CA ALA B 65 -4.01 -10.58 -6.99
C ALA B 65 -4.56 -9.17 -6.75
N ALA B 66 -5.20 -8.59 -7.75
CA ALA B 66 -5.62 -7.20 -7.60
C ALA B 66 -6.65 -7.05 -6.49
N ASP B 68 -6.78 -8.95 -3.94
CA ASP B 68 -5.95 -9.09 -2.77
C ASP B 68 -5.37 -7.72 -2.42
N GLN B 69 -4.53 -7.21 -3.30
CA GLN B 69 -3.90 -5.93 -3.07
C GLN B 69 -4.89 -4.90 -2.57
N ILE B 70 -5.98 -4.69 -3.30
CA ILE B 70 -6.77 -3.50 -3.04
C ILE B 70 -7.43 -3.58 -1.66
N SER B 71 -7.89 -4.78 -1.32
CA SER B 71 -8.52 -5.02 -0.05
C SER B 71 -7.59 -4.69 1.09
N ARG B 72 -6.29 -4.95 0.91
CA ARG B 72 -5.32 -4.67 1.96
C ARG B 72 -5.07 -3.17 2.06
N LEU B 73 -4.83 -2.56 0.91
CA LEU B 73 -4.52 -1.14 0.83
C LEU B 73 -5.65 -0.25 1.35
N ALA B 74 -6.90 -0.67 1.13
CA ALA B 74 -8.09 0.07 1.58
C ALA B 74 -8.55 -0.25 3.02
N GLU B 75 -7.88 -1.21 3.66
CA GLU B 75 -8.11 -1.58 5.06
C GLU B 75 -9.52 -2.10 5.32
N LEU B 76 -9.98 -2.92 4.38
CA LEU B 76 -11.29 -3.53 4.46
C LEU B 76 -11.17 -4.84 5.22
N ASP B 77 -11.33 -4.81 6.54
CA ASP B 77 -11.17 -6.05 7.33
C ASP B 77 -12.05 -6.18 8.58
N ILE B 78 -12.12 -7.42 9.07
CA ILE B 78 -12.76 -7.75 10.34
C ILE B 78 -11.67 -8.16 11.34
N GLU B 79 -11.07 -7.16 11.97
CA GLU B 79 -9.90 -7.33 12.86
C GLU B 79 -8.76 -8.11 12.20
N THR B 89 -6.80 -23.36 11.39
CA THR B 89 -6.35 -21.97 11.51
C THR B 89 -6.06 -21.30 10.15
N GLY B 90 -5.46 -22.02 9.20
CA GLY B 90 -5.34 -21.56 7.79
C GLY B 90 -3.98 -21.17 7.18
N ASP B 91 -4.05 -20.78 5.90
CA ASP B 91 -2.92 -20.29 5.10
C ASP B 91 -3.44 -19.16 4.23
N SER B 92 -2.57 -18.48 3.50
CA SER B 92 -2.99 -17.30 2.74
C SER B 92 -4.08 -17.61 1.70
N HIS B 93 -3.95 -18.73 0.99
CA HIS B 93 -4.92 -19.03 -0.04
C HIS B 93 -6.34 -19.17 0.49
N SER B 94 -6.50 -19.81 1.64
CA SER B 94 -7.83 -19.90 2.24
C SER B 94 -8.26 -18.54 2.77
N GLN B 95 -7.36 -17.87 3.49
CA GLN B 95 -7.64 -16.55 4.02
C GLN B 95 -8.20 -15.65 2.92
N HIS B 96 -7.55 -15.73 1.76
CA HIS B 96 -7.92 -14.93 0.61
C HIS B 96 -9.37 -15.24 0.28
N LEU B 97 -9.66 -16.50 -0.03
CA LEU B 97 -11.00 -16.98 -0.32
C LEU B 97 -12.05 -16.61 0.73
N LEU B 98 -11.67 -16.74 1.99
CA LEU B 98 -12.56 -16.40 3.09
C LEU B 98 -12.89 -14.95 3.04
N LEU B 99 -11.85 -14.13 3.01
CA LEU B 99 -12.03 -12.70 2.94
C LEU B 99 -12.86 -12.35 1.71
N GLY B 100 -12.71 -13.14 0.67
CA GLY B 100 -13.55 -13.00 -0.51
C GLY B 100 -15.01 -13.08 -0.12
N GLU B 102 -16.54 -13.34 2.79
CA GLU B 102 -17.02 -12.47 3.84
C GLU B 102 -17.47 -11.14 3.25
N ILE B 103 -16.67 -10.60 2.35
CA ILE B 103 -17.02 -9.35 1.66
C ILE B 103 -18.37 -9.48 0.97
N LEU B 104 -18.49 -10.51 0.13
CA LEU B 104 -19.71 -10.68 -0.63
C LEU B 104 -20.91 -10.79 0.29
N GLU B 106 -21.19 -9.73 3.27
CA GLU B 106 -21.34 -8.42 3.90
C GLU B 106 -22.16 -7.52 3.01
N LEU B 107 -21.92 -7.61 1.71
CA LEU B 107 -22.65 -6.81 0.76
C LEU B 107 -24.09 -7.28 0.65
N TYR B 108 -24.26 -8.61 0.54
CA TYR B 108 -25.56 -9.28 0.48
C TYR B 108 -26.44 -8.91 1.68
N ARG B 109 -25.79 -8.83 2.85
CA ARG B 109 -26.41 -8.31 4.06
C ARG B 109 -27.06 -6.98 3.72
N GLN B 110 -26.25 -6.04 3.23
CA GLN B 110 -26.71 -4.69 2.97
C GLN B 110 -27.83 -4.64 1.94
N GLN B 111 -27.92 -5.65 1.09
CA GLN B 111 -29.00 -5.73 0.11
C GLN B 111 -30.30 -6.21 0.72
N HIS B 112 -30.25 -6.63 1.97
CA HIS B 112 -31.43 -7.01 2.69
C HIS B 112 -31.29 -6.47 4.10
N PRO B 113 -31.51 -5.15 4.25
CA PRO B 113 -31.45 -4.53 5.58
C PRO B 113 -32.56 -5.07 6.48
N ASP B 114 -33.69 -5.42 5.85
CA ASP B 114 -34.90 -5.89 6.52
C ASP B 114 -34.78 -7.26 7.22
N TRP B 115 -34.04 -8.20 6.63
CA TRP B 115 -33.84 -9.55 7.19
C TRP B 115 -32.92 -9.56 8.43
N THR B 116 -33.14 -10.53 9.32
CA THR B 116 -32.31 -10.71 10.52
C THR B 116 -30.95 -11.33 10.19
N ALA B 117 -30.01 -11.30 11.13
CA ALA B 117 -28.66 -11.83 10.89
C ALA B 117 -28.64 -13.34 10.59
N PRO B 118 -29.33 -14.16 11.42
CA PRO B 118 -29.40 -15.59 11.10
C PRO B 118 -30.05 -15.80 9.75
N ALA B 119 -31.16 -15.09 9.49
CA ALA B 119 -31.88 -15.18 8.24
C ALA B 119 -30.97 -15.04 7.02
N ILE B 120 -29.93 -14.21 7.11
CA ILE B 120 -29.03 -14.02 5.98
C ILE B 120 -27.94 -15.09 5.91
N ARG B 121 -27.49 -15.54 7.06
CA ARG B 121 -26.53 -16.65 7.13
C ARG B 121 -27.19 -17.92 6.58
N GLN B 122 -28.37 -18.24 7.09
CA GLN B 122 -29.21 -19.28 6.51
C GLN B 122 -29.20 -19.18 5.00
N ALA B 123 -29.41 -17.99 4.48
CA ALA B 123 -29.65 -17.82 3.06
C ALA B 123 -28.38 -17.87 2.23
N PHE B 124 -27.32 -17.27 2.75
CA PHE B 124 -26.10 -17.08 1.96
C PHE B 124 -25.23 -18.33 1.89
N ALA B 125 -25.21 -19.08 2.98
CA ALA B 125 -24.44 -20.30 3.10
C ALA B 125 -24.50 -21.19 1.86
N PRO B 126 -25.71 -21.68 1.49
CA PRO B 126 -25.79 -22.59 0.34
C PRO B 126 -25.26 -21.95 -0.93
N LEU B 127 -25.49 -20.65 -1.09
CA LEU B 127 -24.97 -19.94 -2.24
C LEU B 127 -23.44 -19.88 -2.21
N ALA B 128 -22.85 -19.73 -1.02
CA ALA B 128 -21.40 -19.79 -0.92
C ALA B 128 -20.90 -21.21 -1.23
N ARG B 129 -21.66 -22.22 -0.81
CA ARG B 129 -21.22 -23.60 -0.95
C ARG B 129 -21.27 -23.89 -2.44
N ALA B 130 -22.43 -23.68 -3.05
CA ALA B 130 -22.59 -23.90 -4.48
C ALA B 130 -21.57 -23.08 -5.26
N GLY B 131 -21.30 -21.89 -4.76
CA GLY B 131 -20.34 -21.01 -5.37
C GLY B 131 -18.94 -21.59 -5.47
N LEU B 132 -18.41 -22.12 -4.37
CA LEU B 132 -17.08 -22.66 -4.36
C LEU B 132 -16.95 -23.87 -5.27
N GLU B 133 -17.98 -24.72 -5.27
CA GLU B 133 -17.94 -25.99 -5.99
C GLU B 133 -17.85 -25.71 -7.46
N ARG B 134 -18.74 -24.87 -7.94
CA ARG B 134 -18.67 -24.40 -9.30
C ARG B 134 -17.29 -23.86 -9.58
N GLY B 135 -16.81 -22.96 -8.71
CA GLY B 135 -15.48 -22.36 -8.88
C GLY B 135 -14.43 -23.43 -9.07
N TYR B 136 -14.49 -24.44 -8.20
CA TYR B 136 -13.55 -25.53 -8.21
C TYR B 136 -13.61 -26.26 -9.54
N GLN B 137 -14.81 -26.57 -10.02
CA GLN B 137 -14.95 -27.25 -11.30
C GLN B 137 -14.31 -26.45 -12.41
N GLU B 138 -14.71 -25.18 -12.53
CA GLU B 138 -14.17 -24.29 -13.54
C GLU B 138 -12.64 -24.19 -13.44
N ALA B 139 -12.12 -24.19 -12.21
CA ALA B 139 -10.69 -24.15 -12.03
C ALA B 139 -9.99 -25.43 -12.51
N CYS B 140 -10.66 -26.57 -12.36
CA CYS B 140 -10.11 -27.81 -12.82
C CYS B 140 -10.13 -27.82 -14.33
N GLN B 141 -11.14 -27.16 -14.90
CA GLN B 141 -11.32 -27.15 -16.34
C GLN B 141 -10.09 -26.60 -17.00
N VAL B 142 -9.72 -25.40 -16.58
CA VAL B 142 -8.60 -24.68 -17.17
C VAL B 142 -7.29 -25.41 -16.94
N LEU B 143 -7.13 -25.91 -15.72
CA LEU B 143 -5.94 -26.65 -15.36
C LEU B 143 -5.77 -27.88 -16.24
N ARG B 144 -6.90 -28.49 -16.64
CA ARG B 144 -6.88 -29.59 -17.59
C ARG B 144 -6.60 -29.07 -19.00
N GLN B 145 -7.35 -28.07 -19.43
CA GLN B 145 -7.18 -27.47 -20.75
C GLN B 145 -5.73 -27.07 -21.02
N LEU B 146 -5.04 -26.63 -19.96
CA LEU B 146 -3.65 -26.18 -20.08
C LEU B 146 -2.62 -27.32 -20.01
N ASN B 147 -3.09 -28.55 -19.83
CA ASN B 147 -2.23 -29.72 -19.65
C ASN B 147 -1.28 -29.52 -18.50
N VAL B 148 -1.81 -29.00 -17.39
CA VAL B 148 -0.98 -28.61 -16.27
C VAL B 148 -1.58 -29.10 -14.94
N TYR B 149 -2.46 -30.10 -15.05
CA TYR B 149 -3.20 -30.67 -13.90
C TYR B 149 -2.52 -31.90 -13.28
N THR B 150 -1.40 -31.68 -12.59
CA THR B 150 -0.62 -32.73 -11.90
C THR B 150 -1.44 -33.42 -10.83
N PRO B 151 -1.17 -34.72 -10.57
CA PRO B 151 -1.70 -35.32 -9.37
C PRO B 151 -1.45 -34.42 -8.16
N ALA B 152 -0.24 -33.88 -8.06
CA ALA B 152 0.14 -32.94 -7.01
C ALA B 152 -0.79 -31.72 -6.99
N VAL B 153 -0.95 -31.07 -8.15
CA VAL B 153 -1.79 -29.88 -8.27
C VAL B 153 -3.21 -30.14 -7.83
N ALA B 154 -3.81 -31.17 -8.41
CA ALA B 154 -5.20 -31.59 -8.13
C ALA B 154 -5.44 -31.73 -6.64
N GLY B 155 -4.59 -32.54 -6.00
CA GLY B 155 -4.63 -32.71 -4.57
C GLY B 155 -4.49 -31.41 -3.82
N GLN B 156 -3.60 -30.53 -4.27
CA GLN B 156 -3.43 -29.24 -3.61
C GLN B 156 -4.76 -28.47 -3.70
N LEU B 157 -5.35 -28.47 -4.88
CA LEU B 157 -6.54 -27.70 -5.12
C LEU B 157 -7.72 -28.22 -4.30
N GLN B 158 -7.97 -29.52 -4.39
CA GLN B 158 -8.99 -30.19 -3.58
C GLN B 158 -8.74 -29.89 -2.11
N GLY B 159 -7.47 -29.75 -1.74
CA GLY B 159 -7.12 -29.44 -0.36
C GLY B 159 -7.67 -28.08 0.03
N LEU B 160 -7.42 -27.11 -0.84
CA LEU B 160 -7.83 -25.76 -0.59
C LEU B 160 -9.34 -25.61 -0.60
N LEU B 161 -10.01 -26.33 -1.49
CA LEU B 161 -11.47 -26.35 -1.50
C LEU B 161 -12.01 -26.76 -0.13
N LEU B 162 -11.67 -27.96 0.30
CA LEU B 162 -12.23 -28.51 1.53
C LEU B 162 -11.99 -27.63 2.73
N LEU B 163 -10.78 -27.09 2.81
CA LEU B 163 -10.36 -26.30 3.95
C LEU B 163 -11.19 -25.05 4.01
N THR B 164 -11.25 -24.34 2.89
CA THR B 164 -11.96 -23.08 2.82
C THR B 164 -13.38 -23.37 3.23
N GLN B 165 -13.97 -24.30 2.49
CA GLN B 165 -15.27 -24.83 2.76
C GLN B 165 -15.51 -25.01 4.26
N ARG B 166 -14.64 -25.73 4.95
CA ARG B 166 -14.89 -25.91 6.37
C ARG B 166 -14.84 -24.61 7.12
N LEU B 167 -13.74 -23.88 6.95
CA LEU B 167 -13.50 -22.66 7.67
C LEU B 167 -14.68 -21.67 7.60
N PHE B 168 -15.34 -21.61 6.45
CA PHE B 168 -16.50 -20.74 6.29
C PHE B 168 -17.66 -21.20 7.15
N GLU B 169 -17.82 -22.51 7.26
CA GLU B 169 -18.83 -23.10 8.11
C GLU B 169 -18.59 -22.75 9.56
N GLU B 170 -17.33 -22.82 9.99
CA GLU B 170 -16.96 -22.44 11.36
C GLU B 170 -17.18 -20.95 11.61
N ARG B 171 -17.11 -20.15 10.55
CA ARG B 171 -17.35 -18.73 10.66
C ARG B 171 -18.81 -18.43 10.92
N LEU B 172 -19.69 -19.16 10.23
CA LEU B 172 -21.12 -18.95 10.36
C LEU B 172 -21.65 -19.25 11.75
N GLN B 173 -21.04 -20.21 12.40
CA GLN B 173 -21.38 -20.58 13.76
C GLN B 173 -20.92 -19.49 14.74
N ILE B 174 -19.95 -18.69 14.30
CA ILE B 174 -19.37 -17.60 15.09
C ILE B 174 -20.04 -16.25 14.80
N ALA B 175 -20.19 -15.43 15.85
CA ALA B 175 -20.70 -14.05 15.77
C ALA B 175 -22.12 -13.93 15.19
N SER C 51 5.96 33.50 10.19
CA SER C 51 6.92 33.35 9.05
C SER C 51 6.55 32.13 8.22
N LEU C 52 7.46 31.71 7.34
CA LEU C 52 7.31 30.46 6.58
C LEU C 52 7.36 29.28 7.57
N SER C 53 7.41 29.65 8.85
CA SER C 53 7.21 28.74 9.98
C SER C 53 5.79 28.15 9.95
N GLN C 54 4.81 29.00 9.63
CA GLN C 54 3.44 28.54 9.35
C GLN C 54 3.40 27.50 8.23
N GLY C 55 4.22 27.71 7.20
CA GLY C 55 4.36 26.76 6.10
C GLY C 55 5.15 25.54 6.51
N ALA C 56 6.20 25.76 7.31
CA ALA C 56 6.96 24.66 7.91
C ALA C 56 6.03 23.69 8.64
N GLN C 57 4.95 24.22 9.22
CA GLN C 57 3.92 23.39 9.85
C GLN C 57 3.21 22.51 8.83
N ALA C 58 2.70 23.13 7.77
CA ALA C 58 2.05 22.39 6.70
C ALA C 58 2.91 21.20 6.24
N ALA C 59 4.17 21.47 5.94
CA ALA C 59 5.04 20.46 5.40
C ALA C 59 5.31 19.35 6.41
N ALA C 60 5.28 19.70 7.68
CA ALA C 60 5.51 18.71 8.72
C ALA C 60 4.31 17.79 8.70
N LEU C 61 3.12 18.37 8.69
CA LEU C 61 1.90 17.59 8.55
C LEU C 61 2.02 16.59 7.40
N LEU C 62 2.17 17.11 6.18
CA LEU C 62 2.33 16.25 5.03
C LEU C 62 3.37 15.17 5.27
N PHE C 63 4.51 15.52 5.87
CA PHE C 63 5.59 14.54 6.09
C PHE C 63 5.09 13.42 6.98
N SER C 64 4.39 13.82 8.02
CA SER C 64 3.91 12.96 9.09
C SER C 64 2.89 11.93 8.60
N ALA C 65 1.91 12.43 7.84
CA ALA C 65 0.80 11.63 7.35
C ALA C 65 1.27 10.69 6.26
N ALA C 66 2.14 11.20 5.40
CA ALA C 66 2.62 10.44 4.26
C ALA C 66 3.57 9.37 4.75
N ASP C 68 3.55 7.88 7.52
CA ASP C 68 2.67 6.88 8.09
C ASP C 68 1.92 6.09 7.02
N GLN C 69 1.34 6.83 6.06
CA GLN C 69 0.56 6.23 4.98
C GLN C 69 1.37 5.23 4.16
N ILE C 70 2.50 5.68 3.65
CA ILE C 70 3.39 4.83 2.87
C ILE C 70 3.77 3.56 3.64
N SER C 71 3.99 3.68 4.95
CA SER C 71 4.41 2.55 5.75
C SER C 71 3.38 1.45 5.76
N ARG C 72 2.12 1.83 5.99
CA ARG C 72 1.00 0.89 6.03
C ARG C 72 0.86 0.12 4.72
N LEU C 73 0.89 0.84 3.61
CA LEU C 73 0.61 0.26 2.31
C LEU C 73 1.73 -0.65 1.86
N ALA C 74 2.96 -0.33 2.27
CA ALA C 74 4.12 -1.16 1.97
C ALA C 74 4.33 -2.25 3.03
N GLU C 75 3.44 -2.28 4.02
CA GLU C 75 3.39 -3.33 5.03
C GLU C 75 4.66 -3.40 5.83
N LEU C 76 5.09 -2.24 6.30
CA LEU C 76 6.26 -2.10 7.15
C LEU C 76 5.83 -2.14 8.61
N ASP C 77 6.48 -2.97 9.43
CA ASP C 77 6.17 -3.03 10.88
C ASP C 77 6.57 -1.76 11.62
N SER C 86 20.63 -4.08 20.49
CA SER C 86 20.35 -3.73 21.89
C SER C 86 18.95 -4.16 22.32
N GLU C 87 18.73 -4.21 23.65
CA GLU C 87 17.41 -4.45 24.22
C GLU C 87 16.63 -3.13 24.39
N LEU C 88 17.27 -2.02 24.03
CA LEU C 88 16.58 -0.75 23.86
C LEU C 88 15.58 -0.94 22.75
N THR C 89 14.32 -0.55 22.96
CA THR C 89 13.32 -0.63 21.90
C THR C 89 12.97 0.76 21.33
N GLY C 90 13.19 0.92 20.03
CA GLY C 90 12.87 2.18 19.34
C GLY C 90 11.41 2.32 18.95
N ASP C 91 11.13 3.20 18.00
CA ASP C 91 9.82 3.31 17.38
C ASP C 91 9.93 3.93 16.00
N SER C 92 8.84 3.97 15.27
CA SER C 92 8.92 4.34 13.86
C SER C 92 9.71 5.62 13.66
N HIS C 93 9.59 6.56 14.59
CA HIS C 93 10.19 7.87 14.41
C HIS C 93 11.71 7.86 14.47
N SER C 94 12.24 7.27 15.54
CA SER C 94 13.67 7.19 15.77
C SER C 94 14.28 6.37 14.66
N GLN C 95 13.54 5.36 14.24
CA GLN C 95 13.94 4.53 13.15
C GLN C 95 14.14 5.39 11.91
N HIS C 96 13.30 6.40 11.69
CA HIS C 96 13.51 7.26 10.53
C HIS C 96 14.76 8.09 10.76
N LEU C 97 14.83 8.71 11.94
CA LEU C 97 15.96 9.55 12.29
C LEU C 97 17.26 8.80 12.11
N LEU C 98 17.29 7.58 12.63
CA LEU C 98 18.44 6.70 12.45
C LEU C 98 18.82 6.59 11.01
N LEU C 99 17.89 6.08 10.22
CA LEU C 99 18.15 5.77 8.83
C LEU C 99 18.47 6.98 8.00
N GLY C 100 17.90 8.13 8.35
CA GLY C 100 18.23 9.34 7.64
C GLY C 100 19.68 9.71 7.82
N GLU C 102 21.94 7.81 8.47
CA GLU C 102 22.70 6.74 7.86
C GLU C 102 22.82 6.95 6.37
N ILE C 103 21.71 7.34 5.73
CA ILE C 103 21.70 7.65 4.31
C ILE C 103 22.64 8.82 4.08
N LEU C 104 22.60 9.81 4.96
CA LEU C 104 23.50 10.95 4.85
C LEU C 104 24.95 10.52 4.93
N GLU C 106 26.19 7.86 4.16
CA GLU C 106 26.52 7.19 2.91
C GLU C 106 26.96 8.20 1.86
N LEU C 107 26.27 9.32 1.81
CA LEU C 107 26.61 10.38 0.86
C LEU C 107 27.95 11.00 1.21
N TYR C 108 28.22 11.14 2.50
CA TYR C 108 29.51 11.60 3.01
C TYR C 108 30.65 10.71 2.53
N ARG C 109 30.40 9.40 2.55
CA ARG C 109 31.35 8.41 2.05
C ARG C 109 31.60 8.64 0.56
N GLN C 110 30.54 8.97 -0.18
CA GLN C 110 30.63 9.18 -1.62
C GLN C 110 31.64 10.29 -1.93
N GLN C 111 31.69 11.30 -1.07
CA GLN C 111 32.60 12.43 -1.26
C GLN C 111 34.00 12.25 -0.65
N HIS C 112 34.21 11.16 0.09
CA HIS C 112 35.50 10.87 0.68
C HIS C 112 35.84 9.39 0.52
N PRO C 113 35.92 8.91 -0.74
CA PRO C 113 36.02 7.47 -0.97
C PRO C 113 37.37 6.86 -0.56
N ASP C 114 38.40 7.68 -0.44
CA ASP C 114 39.77 7.22 -0.14
C ASP C 114 40.06 6.98 1.34
N TRP C 115 39.13 7.40 2.19
CA TRP C 115 39.24 7.24 3.62
C TRP C 115 38.87 5.80 3.96
N THR C 116 39.41 5.27 5.05
CA THR C 116 38.91 4.01 5.59
C THR C 116 37.53 4.21 6.27
N ALA C 117 36.86 3.10 6.55
CA ALA C 117 35.54 3.13 7.18
C ALA C 117 35.56 3.62 8.63
N PRO C 118 36.66 3.34 9.38
CA PRO C 118 36.74 3.97 10.70
C PRO C 118 36.93 5.48 10.59
N ALA C 119 37.75 5.91 9.64
CA ALA C 119 37.99 7.33 9.41
C ALA C 119 36.72 8.15 9.12
N ILE C 120 35.79 7.62 8.32
CA ILE C 120 34.55 8.34 8.07
C ILE C 120 33.64 8.30 9.29
N ARG C 121 33.77 7.23 10.06
CA ARG C 121 32.96 7.11 11.24
C ARG C 121 33.42 8.07 12.35
N GLN C 122 34.74 8.30 12.42
CA GLN C 122 35.32 9.28 13.35
C GLN C 122 34.88 10.69 13.00
N ALA C 123 34.90 11.02 11.71
CA ALA C 123 34.58 12.37 11.27
C ALA C 123 33.08 12.68 11.22
N PHE C 124 32.27 11.70 10.81
CA PHE C 124 30.83 11.89 10.68
C PHE C 124 30.06 11.84 11.97
N ALA C 125 30.44 10.92 12.86
CA ALA C 125 29.75 10.76 14.13
C ALA C 125 29.44 12.10 14.84
N PRO C 126 30.48 12.92 15.12
CA PRO C 126 30.22 14.14 15.91
C PRO C 126 29.30 15.10 15.17
N LEU C 127 29.29 15.02 13.84
CA LEU C 127 28.45 15.89 13.02
C LEU C 127 27.02 15.41 13.17
N ALA C 128 26.82 14.11 13.01
CA ALA C 128 25.51 13.54 13.20
C ALA C 128 24.98 14.02 14.56
N ARG C 129 25.79 13.80 15.59
CA ARG C 129 25.44 14.17 16.95
C ARG C 129 25.11 15.65 16.98
N ALA C 130 26.03 16.48 16.52
CA ALA C 130 25.90 17.94 16.62
C ALA C 130 24.70 18.45 15.86
N GLY C 131 24.51 17.93 14.65
CA GLY C 131 23.37 18.31 13.84
C GLY C 131 22.06 18.03 14.54
N LEU C 132 21.86 16.78 14.93
CA LEU C 132 20.64 16.41 15.61
C LEU C 132 20.30 17.34 16.77
N GLU C 133 21.35 17.76 17.50
CA GLU C 133 21.18 18.61 18.65
C GLU C 133 20.67 19.98 18.22
N ARG C 134 21.23 20.49 17.14
CA ARG C 134 20.76 21.78 16.64
C ARG C 134 19.34 21.63 16.15
N GLY C 135 19.10 20.57 15.38
CA GLY C 135 17.77 20.22 14.90
C GLY C 135 16.78 20.23 16.04
N TYR C 136 17.08 19.47 17.08
CA TYR C 136 16.23 19.43 18.27
C TYR C 136 15.87 20.84 18.71
N GLN C 137 16.88 21.68 18.94
CA GLN C 137 16.71 23.03 19.45
C GLN C 137 15.78 23.83 18.56
N GLU C 138 16.10 23.79 17.27
CA GLU C 138 15.34 24.43 16.21
C GLU C 138 13.88 23.98 16.26
N ALA C 139 13.66 22.68 16.38
CA ALA C 139 12.33 22.10 16.38
C ALA C 139 11.48 22.65 17.51
N CYS C 140 12.05 22.64 18.71
CA CYS C 140 11.36 23.14 19.88
C CYS C 140 10.93 24.57 19.68
N GLN C 141 11.85 25.41 19.18
CA GLN C 141 11.53 26.81 18.99
C GLN C 141 10.39 27.03 18.02
N VAL C 142 10.29 26.19 17.01
CA VAL C 142 9.18 26.25 16.06
C VAL C 142 7.91 25.85 16.78
N LEU C 143 8.02 24.81 17.61
CA LEU C 143 6.90 24.29 18.36
C LEU C 143 6.33 25.28 19.38
N ARG C 144 7.19 26.20 19.80
CA ARG C 144 6.75 27.27 20.68
C ARG C 144 6.02 28.36 19.91
N GLN C 145 6.52 28.70 18.72
CA GLN C 145 5.89 29.73 17.89
C GLN C 145 4.49 29.30 17.50
N LEU C 146 4.33 28.01 17.26
CA LEU C 146 3.02 27.42 16.98
C LEU C 146 2.22 27.24 18.26
N ASN C 147 2.79 27.71 19.36
CA ASN C 147 2.10 27.81 20.64
C ASN C 147 1.64 26.44 21.13
N VAL C 148 2.33 25.40 20.69
CA VAL C 148 1.84 24.04 20.88
C VAL C 148 2.86 23.11 21.57
N TYR C 149 3.80 23.73 22.28
CA TYR C 149 4.87 23.03 22.99
C TYR C 149 4.41 22.45 24.35
N THR C 150 3.56 21.43 24.28
CA THR C 150 2.99 20.72 25.44
C THR C 150 4.05 20.09 26.33
N PRO C 151 3.87 20.15 27.67
CA PRO C 151 4.77 19.38 28.53
C PRO C 151 4.88 17.90 28.10
N ALA C 152 3.78 17.34 27.58
CA ALA C 152 3.78 15.97 27.04
C ALA C 152 4.55 15.89 25.73
N VAL C 153 4.37 16.91 24.89
CA VAL C 153 5.06 17.02 23.62
C VAL C 153 6.54 17.30 23.82
N ALA C 154 6.86 18.23 24.71
CA ALA C 154 8.24 18.47 25.09
C ALA C 154 8.86 17.14 25.48
N GLY C 155 8.12 16.40 26.30
CA GLY C 155 8.52 15.08 26.78
C GLY C 155 8.89 14.10 25.68
N GLN C 156 7.93 13.85 24.78
CA GLN C 156 8.17 12.95 23.65
C GLN C 156 9.45 13.29 22.91
N LEU C 157 9.59 14.55 22.50
CA LEU C 157 10.75 14.97 21.75
C LEU C 157 12.02 14.67 22.50
N GLN C 158 12.03 15.02 23.77
CA GLN C 158 13.19 14.75 24.60
C GLN C 158 13.54 13.26 24.58
N GLY C 159 12.52 12.41 24.74
CA GLY C 159 12.72 10.96 24.75
C GLY C 159 13.25 10.48 23.42
N LEU C 160 12.73 11.12 22.38
CA LEU C 160 13.06 10.77 21.04
C LEU C 160 14.49 11.21 20.73
N LEU C 161 14.82 12.44 21.08
CA LEU C 161 16.19 12.93 20.95
C LEU C 161 17.18 11.95 21.59
N LEU C 162 16.99 11.69 22.87
CA LEU C 162 17.91 10.88 23.62
C LEU C 162 18.10 9.48 23.06
N LEU C 163 16.99 8.82 22.74
CA LEU C 163 16.99 7.46 22.19
C LEU C 163 17.78 7.39 20.89
N THR C 164 17.48 8.33 20.01
CA THR C 164 18.03 8.36 18.69
C THR C 164 19.52 8.53 18.78
N GLN C 165 19.95 9.44 19.66
CA GLN C 165 21.34 9.79 19.74
C GLN C 165 22.08 8.54 20.19
N ARG C 166 21.56 7.84 21.18
CA ARG C 166 22.17 6.60 21.59
C ARG C 166 22.18 5.53 20.50
N LEU C 167 21.02 5.28 19.88
CA LEU C 167 20.89 4.25 18.86
C LEU C 167 21.89 4.47 17.76
N PHE C 168 22.08 5.73 17.37
CA PHE C 168 23.09 6.04 16.37
C PHE C 168 24.49 5.71 16.87
N GLU C 169 24.83 6.27 18.03
CA GLU C 169 26.05 5.89 18.71
C GLU C 169 26.28 4.39 18.62
N GLU C 170 25.22 3.61 18.88
CA GLU C 170 25.31 2.16 18.93
C GLU C 170 25.56 1.52 17.57
N ARG C 171 24.85 1.98 16.54
CA ARG C 171 25.07 1.46 15.21
C ARG C 171 26.50 1.71 14.71
N LEU C 172 27.05 2.88 15.06
CA LEU C 172 28.39 3.26 14.63
C LEU C 172 29.47 2.51 15.36
N GLN C 173 29.46 2.62 16.69
CA GLN C 173 30.51 2.08 17.56
C GLN C 173 30.72 0.58 17.41
N ILE C 174 29.64 -0.17 17.20
CA ILE C 174 29.73 -1.63 17.09
C ILE C 174 29.30 -2.13 15.71
N ALA C 175 30.23 -2.78 15.01
CA ALA C 175 29.96 -3.38 13.70
C ALA C 175 30.98 -4.48 13.40
N LEU D 52 -1.34 12.01 20.02
CA LEU D 52 0.07 11.80 19.55
C LEU D 52 0.26 12.03 18.04
N SER D 53 -0.73 12.68 17.41
CA SER D 53 -0.61 13.17 16.03
C SER D 53 0.32 14.39 16.00
N GLN D 54 0.14 15.30 16.97
CA GLN D 54 1.09 16.40 17.22
C GLN D 54 2.50 15.85 17.36
N GLY D 55 2.66 14.84 18.22
CA GLY D 55 3.93 14.11 18.36
C GLY D 55 4.46 13.64 17.02
N ALA D 56 3.59 13.01 16.22
CA ALA D 56 3.96 12.60 14.89
C ALA D 56 4.55 13.79 14.15
N GLN D 57 3.93 14.95 14.26
CA GLN D 57 4.43 16.10 13.51
C GLN D 57 5.61 16.84 14.17
N ALA D 58 5.79 16.63 15.47
CA ALA D 58 6.93 17.16 16.15
C ALA D 58 8.16 16.38 15.71
N ALA D 59 7.99 15.08 15.55
CA ALA D 59 9.06 14.23 15.04
C ALA D 59 9.38 14.60 13.61
N ALA D 60 8.35 15.04 12.89
CA ALA D 60 8.50 15.51 11.53
C ALA D 60 9.40 16.73 11.56
N LEU D 61 9.03 17.70 12.38
CA LEU D 61 9.82 18.91 12.56
C LEU D 61 11.26 18.57 12.87
N LEU D 62 11.46 17.76 13.91
CA LEU D 62 12.79 17.29 14.28
C LEU D 62 13.50 16.65 13.09
N PHE D 63 12.80 15.82 12.33
CA PHE D 63 13.43 15.20 11.19
C PHE D 63 13.97 16.27 10.26
N SER D 64 13.07 17.14 9.82
CA SER D 64 13.38 18.25 8.92
C SER D 64 14.63 18.99 9.41
N ALA D 65 14.49 19.67 10.55
CA ALA D 65 15.52 20.57 11.05
C ALA D 65 16.86 19.88 11.08
N ALA D 66 16.88 18.63 11.53
CA ALA D 66 18.11 17.89 11.72
C ALA D 66 18.76 17.51 10.40
N ASP D 68 18.61 18.75 7.56
CA ASP D 68 19.24 19.98 7.04
C ASP D 68 20.49 20.37 7.83
N GLN D 69 20.46 20.15 9.15
CA GLN D 69 21.57 20.55 9.99
C GLN D 69 22.76 19.65 9.82
N ILE D 70 22.51 18.38 9.57
CA ILE D 70 23.61 17.49 9.31
C ILE D 70 24.18 17.74 7.92
N SER D 71 23.31 17.84 6.91
CA SER D 71 23.80 18.07 5.55
C SER D 71 24.64 19.34 5.44
N ARG D 72 24.23 20.41 6.11
CA ARG D 72 25.10 21.58 6.22
C ARG D 72 26.49 21.17 6.70
N LEU D 73 26.56 20.56 7.88
CA LEU D 73 27.83 20.25 8.49
C LEU D 73 28.69 19.29 7.65
N ALA D 74 28.04 18.32 6.99
CA ALA D 74 28.77 17.37 6.15
C ALA D 74 29.04 17.91 4.73
N GLU D 75 28.67 19.16 4.49
CA GLU D 75 28.85 19.79 3.18
C GLU D 75 28.16 18.98 2.09
N LEU D 76 26.84 18.90 2.16
CA LEU D 76 26.08 18.11 1.18
C LEU D 76 25.10 19.00 0.42
N ASP D 77 25.18 18.93 -0.92
CA ASP D 77 24.49 19.89 -1.82
C ASP D 77 25.18 21.26 -1.85
N ASP D 91 13.27 23.53 -3.65
CA ASP D 91 12.73 23.95 -2.37
C ASP D 91 13.20 23.05 -1.23
N SER D 92 13.74 23.68 -0.19
CA SER D 92 14.28 23.00 1.00
C SER D 92 13.36 21.89 1.55
N HIS D 93 12.05 22.15 1.56
CA HIS D 93 11.05 21.20 2.08
C HIS D 93 10.96 19.87 1.29
N SER D 94 11.08 19.93 -0.04
CA SER D 94 10.90 18.73 -0.87
C SER D 94 11.96 17.67 -0.59
N GLN D 95 13.19 18.11 -0.38
CA GLN D 95 14.33 17.23 -0.05
C GLN D 95 14.08 16.29 1.16
N HIS D 96 13.29 16.75 2.12
CA HIS D 96 12.94 15.96 3.31
C HIS D 96 12.03 14.77 2.97
N LEU D 97 10.92 15.05 2.29
CA LEU D 97 10.01 14.00 1.90
C LEU D 97 10.77 13.02 1.04
N LEU D 98 11.62 13.55 0.19
CA LEU D 98 12.50 12.73 -0.64
C LEU D 98 13.36 11.79 0.19
N LEU D 99 14.04 12.33 1.18
CA LEU D 99 14.80 11.48 2.09
C LEU D 99 13.89 10.53 2.87
N GLY D 100 12.70 11.01 3.21
CA GLY D 100 11.73 10.22 3.99
C GLY D 100 11.18 9.04 3.23
N GLU D 102 12.92 7.71 0.75
CA GLU D 102 14.13 6.92 0.54
C GLU D 102 14.34 5.90 1.64
N ILE D 103 13.96 6.32 2.85
CA ILE D 103 14.14 5.55 4.05
C ILE D 103 13.13 4.44 3.99
N LEU D 104 11.91 4.79 3.59
CA LEU D 104 10.84 3.84 3.52
C LEU D 104 11.15 2.76 2.50
N GLU D 106 14.29 1.71 1.70
CA GLU D 106 15.35 0.87 2.25
C GLU D 106 14.73 -0.17 3.16
N LEU D 107 13.73 0.26 3.91
CA LEU D 107 13.00 -0.64 4.80
C LEU D 107 12.30 -1.72 3.99
N TYR D 108 11.54 -1.30 3.00
CA TYR D 108 10.87 -2.22 2.10
C TYR D 108 11.88 -3.20 1.51
N ARG D 109 13.03 -2.65 1.12
CA ARG D 109 14.08 -3.42 0.47
C ARG D 109 14.49 -4.57 1.37
N GLN D 110 14.67 -4.25 2.65
CA GLN D 110 15.16 -5.23 3.60
C GLN D 110 14.08 -6.21 4.05
N GLN D 111 12.82 -5.82 3.93
CA GLN D 111 11.71 -6.77 4.10
C GLN D 111 11.47 -7.63 2.88
N HIS D 112 12.31 -7.49 1.86
CA HIS D 112 12.20 -8.30 0.66
C HIS D 112 13.59 -8.58 0.10
N PRO D 113 14.37 -9.37 0.85
CA PRO D 113 15.78 -9.59 0.53
C PRO D 113 15.99 -10.41 -0.73
N ASP D 114 15.05 -11.31 -1.03
CA ASP D 114 15.16 -12.17 -2.20
C ASP D 114 14.47 -11.56 -3.44
N TRP D 115 14.61 -10.25 -3.60
CA TRP D 115 14.01 -9.53 -4.73
C TRP D 115 15.10 -8.79 -5.49
N THR D 116 14.90 -8.56 -6.78
CA THR D 116 15.86 -7.77 -7.58
C THR D 116 15.59 -6.27 -7.39
N ALA D 117 16.66 -5.49 -7.28
CA ALA D 117 16.55 -4.03 -7.09
C ALA D 117 15.57 -3.37 -8.06
N PRO D 118 15.63 -3.73 -9.36
CA PRO D 118 14.57 -3.24 -10.22
C PRO D 118 13.18 -3.59 -9.70
N ALA D 119 12.93 -4.87 -9.41
CA ALA D 119 11.63 -5.33 -8.91
C ALA D 119 11.16 -4.57 -7.68
N ILE D 120 12.10 -4.22 -6.81
CA ILE D 120 11.80 -3.47 -5.60
C ILE D 120 11.34 -2.06 -5.92
N ARG D 121 11.99 -1.45 -6.90
CA ARG D 121 11.60 -0.12 -7.31
C ARG D 121 10.25 -0.19 -8.00
N GLN D 122 10.09 -1.21 -8.85
CA GLN D 122 8.83 -1.52 -9.54
C GLN D 122 7.66 -1.62 -8.56
N ALA D 123 7.84 -2.41 -7.51
CA ALA D 123 6.84 -2.55 -6.44
C ALA D 123 6.60 -1.25 -5.69
N PHE D 124 7.67 -0.59 -5.26
CA PHE D 124 7.57 0.50 -4.31
C PHE D 124 7.08 1.82 -4.89
N ALA D 125 7.33 2.05 -6.18
CA ALA D 125 6.95 3.29 -6.81
C ALA D 125 5.46 3.57 -6.63
N PRO D 126 4.57 2.63 -7.07
CA PRO D 126 3.13 2.77 -6.93
C PRO D 126 2.72 3.02 -5.49
N LEU D 127 3.21 2.18 -4.58
CA LEU D 127 2.88 2.30 -3.16
C LEU D 127 3.24 3.68 -2.63
N ALA D 128 4.44 4.17 -2.98
CA ALA D 128 4.88 5.47 -2.50
C ALA D 128 3.95 6.57 -3.00
N ARG D 129 3.65 6.53 -4.30
CA ARG D 129 2.75 7.48 -4.90
C ARG D 129 1.40 7.53 -4.17
N ALA D 130 0.81 6.35 -3.96
CA ALA D 130 -0.49 6.30 -3.29
C ALA D 130 -0.35 6.79 -1.85
N GLY D 131 0.68 6.29 -1.16
CA GLY D 131 1.00 6.77 0.17
C GLY D 131 1.06 8.28 0.26
N LEU D 132 1.77 8.91 -0.67
CA LEU D 132 1.94 10.34 -0.61
C LEU D 132 0.63 11.05 -0.85
N GLU D 133 -0.11 10.59 -1.85
CA GLU D 133 -1.39 11.20 -2.20
C GLU D 133 -2.38 11.10 -1.05
N ARG D 134 -2.46 9.93 -0.45
CA ARG D 134 -3.27 9.74 0.73
C ARG D 134 -2.84 10.72 1.79
N GLY D 135 -1.53 10.74 2.06
CA GLY D 135 -0.92 11.67 3.00
C GLY D 135 -1.32 13.09 2.69
N TYR D 136 -1.22 13.47 1.41
CA TYR D 136 -1.62 14.80 1.00
C TYR D 136 -3.03 15.11 1.48
N GLN D 137 -3.97 14.23 1.12
CA GLN D 137 -5.38 14.40 1.44
C GLN D 137 -5.63 14.53 2.93
N GLU D 138 -5.09 13.58 3.71
CA GLU D 138 -5.26 13.61 5.17
C GLU D 138 -4.75 14.91 5.79
N ALA D 139 -3.55 15.34 5.39
CA ALA D 139 -2.98 16.63 5.83
C ALA D 139 -3.93 17.82 5.59
N CYS D 140 -4.30 18.06 4.32
CA CYS D 140 -5.23 19.14 3.99
C CYS D 140 -6.42 19.12 4.93
N GLN D 141 -6.96 17.91 5.14
CA GLN D 141 -8.16 17.75 5.96
C GLN D 141 -7.96 18.26 7.39
N VAL D 142 -6.78 17.98 7.95
CA VAL D 142 -6.41 18.43 9.31
C VAL D 142 -6.28 19.94 9.37
N LEU D 143 -5.68 20.51 8.34
CA LEU D 143 -5.50 21.95 8.27
C LEU D 143 -6.83 22.68 8.17
N ARG D 144 -7.80 22.06 7.50
CA ARG D 144 -9.13 22.62 7.37
C ARG D 144 -9.85 22.67 8.72
N GLN D 145 -9.71 21.59 9.51
CA GLN D 145 -10.30 21.54 10.85
C GLN D 145 -9.52 22.40 11.86
N LEU D 146 -8.34 22.85 11.43
CA LEU D 146 -7.52 23.80 12.18
C LEU D 146 -7.85 25.26 11.90
N ASN D 147 -8.81 25.49 11.01
CA ASN D 147 -9.20 26.84 10.56
C ASN D 147 -8.12 27.61 9.79
N VAL D 148 -6.93 27.03 9.67
CA VAL D 148 -5.75 27.72 9.11
C VAL D 148 -5.38 27.28 7.66
N TYR D 149 -6.37 26.80 6.91
CA TYR D 149 -6.15 26.43 5.50
C TYR D 149 -6.21 27.63 4.55
N THR D 150 -5.13 28.40 4.51
CA THR D 150 -5.02 29.61 3.66
C THR D 150 -4.94 29.24 2.19
N PRO D 151 -5.45 30.11 1.29
CA PRO D 151 -5.15 29.92 -0.13
C PRO D 151 -3.65 29.84 -0.37
N ALA D 152 -2.88 30.52 0.47
CA ALA D 152 -1.42 30.49 0.43
C ALA D 152 -0.87 29.12 0.81
N VAL D 153 -1.32 28.59 1.94
CA VAL D 153 -0.96 27.25 2.37
C VAL D 153 -1.26 26.25 1.25
N ALA D 154 -2.51 26.25 0.79
CA ALA D 154 -2.97 25.35 -0.29
C ALA D 154 -1.99 25.30 -1.45
N GLY D 155 -1.67 26.47 -2.01
CA GLY D 155 -0.72 26.58 -3.11
C GLY D 155 0.61 25.90 -2.87
N GLN D 156 1.22 26.21 -1.72
CA GLN D 156 2.50 25.62 -1.32
C GLN D 156 2.40 24.12 -1.29
N LEU D 157 1.34 23.62 -0.66
CA LEU D 157 1.17 22.19 -0.51
C LEU D 157 0.98 21.47 -1.85
N GLN D 158 0.43 22.17 -2.83
CA GLN D 158 0.25 21.64 -4.16
C GLN D 158 1.56 21.56 -4.93
N GLY D 159 2.36 22.63 -4.84
CA GLY D 159 3.70 22.65 -5.42
C GLY D 159 4.58 21.61 -4.78
N LEU D 160 4.46 21.47 -3.46
CA LEU D 160 5.20 20.47 -2.71
C LEU D 160 4.76 19.05 -3.11
N LEU D 161 3.45 18.81 -3.13
CA LEU D 161 2.89 17.52 -3.56
C LEU D 161 3.37 17.13 -4.94
N LEU D 162 3.20 18.04 -5.90
CA LEU D 162 3.58 17.78 -7.29
C LEU D 162 5.09 17.56 -7.47
N LEU D 163 5.88 18.53 -7.03
CA LEU D 163 7.33 18.48 -7.10
C LEU D 163 7.88 17.16 -6.54
N THR D 164 7.45 16.78 -5.35
CA THR D 164 7.91 15.55 -4.74
C THR D 164 7.54 14.34 -5.59
N GLN D 165 6.26 14.25 -5.98
CA GLN D 165 5.80 13.17 -6.84
C GLN D 165 6.77 13.02 -8.01
N ARG D 166 7.05 14.13 -8.69
CA ARG D 166 7.98 14.11 -9.83
C ARG D 166 9.36 13.62 -9.41
N LEU D 167 10.06 14.41 -8.62
CA LEU D 167 11.42 14.09 -8.20
C LEU D 167 11.64 12.65 -7.74
N PHE D 168 10.61 12.05 -7.14
CA PHE D 168 10.75 10.66 -6.71
C PHE D 168 10.79 9.74 -7.90
N GLU D 169 9.94 10.02 -8.89
CA GLU D 169 9.92 9.23 -10.11
C GLU D 169 11.27 9.41 -10.79
N GLU D 170 11.77 10.65 -10.76
CA GLU D 170 13.12 10.94 -11.24
C GLU D 170 14.18 10.13 -10.49
N ARG D 171 14.11 10.15 -9.17
CA ARG D 171 15.03 9.34 -8.37
C ARG D 171 15.08 7.90 -8.85
N LEU D 172 13.92 7.31 -9.13
CA LEU D 172 13.80 5.89 -9.43
C LEU D 172 14.37 5.44 -10.78
N GLN D 173 14.95 6.38 -11.53
CA GLN D 173 15.51 6.05 -12.84
C GLN D 173 17.01 5.72 -12.78
N ILE D 174 17.74 6.38 -11.87
CA ILE D 174 19.17 6.10 -11.68
C ILE D 174 19.45 5.19 -10.47
#